data_4UWX
#
_entry.id   4UWX
#
_cell.length_a   121.090
_cell.length_b   49.381
_cell.length_c   106.370
_cell.angle_alpha   90.00
_cell.angle_beta   97.86
_cell.angle_gamma   90.00
#
_symmetry.space_group_name_H-M   'C 1 2 1'
#
loop_
_entity.id
_entity.type
_entity.pdbx_description
1 polymer 'PROTEIN DIAPHANOUS HOMOLOG 1'
2 polymer LIPRIN-ALPHA-3
3 non-polymer 'NICKEL (II) ION'
4 non-polymer TRIS-HYDROXYMETHYL-METHYL-AMMONIUM
5 water water
#
loop_
_entity_poly.entity_id
_entity_poly.type
_entity_poly.pdbx_seq_one_letter_code
_entity_poly.pdbx_strand_id
1 'polypeptide(L)'
;GSEFSAMMYIQELRSGLRDMHLLSCLESLRVSLNNNPVSWVQTFGAEGLASLLDILKRLHDEKEETSGNYDSRNQHEIIR
CLKAFMNNKFGIKTMLETEEGILLLVRAMDPAVPNMMIDAAKLLSALCILPQPEDMNERVLEAMTERAEMDEVERFQPLL
DGLKSGTSIALKVGCLQLINALITPAEELDFRVHIRSELMRLGLHQVLQELREIENEDMKVQLCVFDEQGDEDFFDLKG
;
A,B
2 'polypeptide(L)' TPRSARLERMAQALALQAGSP C,D
#
# COMPACT_ATOMS: atom_id res chain seq x y z
N GLY A 1 35.25 5.35 -15.22
CA GLY A 1 34.14 6.30 -15.26
C GLY A 1 33.82 6.51 -16.67
N SER A 2 33.76 7.79 -17.00
CA SER A 2 34.05 8.95 -16.12
C SER A 2 32.97 9.19 -15.14
N GLU A 3 33.27 9.88 -14.03
CA GLU A 3 32.19 10.40 -13.18
C GLU A 3 31.23 11.38 -13.87
N PHE A 4 31.76 12.11 -14.87
CA PHE A 4 31.00 13.13 -15.51
C PHE A 4 29.92 12.41 -16.31
N SER A 5 30.25 11.23 -16.84
CA SER A 5 29.26 10.51 -17.67
C SER A 5 28.06 10.09 -16.85
N ALA A 6 28.22 9.76 -15.56
CA ALA A 6 27.07 9.50 -14.74
C ALA A 6 26.09 10.64 -14.61
N MET A 7 26.62 11.86 -14.46
CA MET A 7 25.82 13.01 -14.34
C MET A 7 25.15 13.28 -15.69
N MET A 8 25.88 13.00 -16.75
CA MET A 8 25.30 13.20 -18.11
C MET A 8 24.11 12.26 -18.33
N TYR A 9 24.22 11.03 -17.88
CA TYR A 9 23.06 10.09 -17.99
C TYR A 9 21.85 10.63 -17.25
N ILE A 10 22.05 11.14 -16.03
CA ILE A 10 20.97 11.66 -15.27
C ILE A 10 20.25 12.84 -15.99
N GLN A 11 21.05 13.75 -16.54
CA GLN A 11 20.52 14.88 -17.24
C GLN A 11 19.73 14.42 -18.46
N GLU A 12 20.26 13.42 -19.15
CA GLU A 12 19.55 12.87 -20.35
C GLU A 12 18.23 12.19 -19.93
N LEU A 13 18.26 11.40 -18.88
CA LEU A 13 17.08 10.68 -18.39
C LEU A 13 15.98 11.65 -17.91
N ARG A 14 16.38 12.82 -17.46
CA ARG A 14 15.43 13.85 -17.01
C ARG A 14 14.90 14.76 -18.11
N SER A 15 15.35 14.55 -19.34
CA SER A 15 15.17 15.48 -20.45
C SER A 15 13.85 15.32 -21.16
N GLY A 16 13.04 14.34 -20.80
CA GLY A 16 11.77 14.14 -21.53
C GLY A 16 11.82 13.30 -22.81
N LEU A 17 12.91 12.57 -22.99
CA LEU A 17 13.08 11.70 -24.13
C LEU A 17 12.09 10.54 -24.18
N ARG A 18 11.85 10.11 -25.41
CA ARG A 18 10.89 9.05 -25.67
C ARG A 18 11.32 8.07 -26.74
N ASP A 19 10.58 6.99 -26.82
CA ASP A 19 10.63 6.05 -27.98
C ASP A 19 12.02 5.50 -28.20
N MET A 20 12.56 5.57 -29.40
CA MET A 20 13.85 4.95 -29.64
C MET A 20 14.99 5.79 -29.11
N HIS A 21 14.82 7.10 -28.98
CA HIS A 21 15.86 7.95 -28.33
C HIS A 21 15.98 7.40 -26.90
N LEU A 22 14.90 7.23 -26.18
CA LEU A 22 14.96 6.74 -24.77
C LEU A 22 15.63 5.35 -24.73
N LEU A 23 15.24 4.44 -25.62
CA LEU A 23 15.76 3.10 -25.58
C LEU A 23 17.27 3.15 -25.78
N SER A 24 17.74 4.01 -26.68
CA SER A 24 19.13 4.08 -27.02
C SER A 24 19.96 4.58 -25.81
N CYS A 25 19.39 5.52 -25.08
CA CYS A 25 19.96 6.05 -23.83
C CYS A 25 20.02 4.90 -22.79
N LEU A 26 18.89 4.22 -22.56
CA LEU A 26 18.82 3.09 -21.65
C LEU A 26 19.76 1.97 -21.95
N GLU A 27 19.93 1.61 -23.22
CA GLU A 27 20.85 0.58 -23.64
C GLU A 27 22.29 1.00 -23.28
N SER A 28 22.69 2.23 -23.55
CA SER A 28 24.01 2.76 -23.24
C SER A 28 24.23 2.74 -21.74
N LEU A 29 23.25 3.18 -21.01
CA LEU A 29 23.34 3.13 -19.52
C LEU A 29 23.42 1.71 -18.98
N ARG A 30 22.70 0.77 -19.54
CA ARG A 30 22.72 -0.63 -19.12
C ARG A 30 24.17 -1.16 -19.29
N VAL A 31 24.86 -0.83 -20.37
CA VAL A 31 26.24 -1.26 -20.62
C VAL A 31 27.16 -0.65 -19.55
N SER A 32 26.98 0.63 -19.31
CA SER A 32 27.83 1.40 -18.39
C SER A 32 27.62 0.79 -17.00
N LEU A 33 26.37 0.52 -16.60
CA LEU A 33 26.15 -0.05 -15.21
C LEU A 33 26.75 -1.42 -15.06
N ASN A 34 26.85 -2.18 -16.15
CA ASN A 34 27.46 -3.51 -16.17
C ASN A 34 28.99 -3.42 -16.22
N ASN A 35 29.56 -2.48 -16.94
CA ASN A 35 30.96 -2.50 -17.23
C ASN A 35 31.73 -1.68 -16.19
N ASN A 36 31.08 -0.71 -15.55
CA ASN A 36 31.82 0.19 -14.67
C ASN A 36 31.88 -0.41 -13.28
N PRO A 37 32.84 0.07 -12.48
CA PRO A 37 32.83 -0.39 -11.07
C PRO A 37 31.74 0.15 -10.19
N VAL A 38 31.62 -0.41 -8.97
CA VAL A 38 30.59 -0.01 -8.02
C VAL A 38 30.73 1.41 -7.65
N SER A 39 31.96 1.95 -7.66
CA SER A 39 32.15 3.33 -7.40
C SER A 39 31.37 4.23 -8.34
N TRP A 40 31.26 3.77 -9.57
CA TRP A 40 30.52 4.55 -10.61
C TRP A 40 29.03 4.50 -10.36
N VAL A 41 28.57 3.33 -9.94
CA VAL A 41 27.18 3.16 -9.55
C VAL A 41 26.85 4.07 -8.41
N GLN A 42 27.80 4.23 -7.44
CA GLN A 42 27.56 5.19 -6.39
C GLN A 42 27.53 6.61 -6.81
N THR A 43 28.32 6.97 -7.81
CA THR A 43 28.25 8.30 -8.34
C THR A 43 26.88 8.56 -9.03
N PHE A 44 26.40 7.60 -9.83
CA PHE A 44 25.05 7.69 -10.44
C PHE A 44 23.99 7.79 -9.33
N GLY A 45 24.09 6.86 -8.36
CA GLY A 45 23.46 7.10 -7.05
C GLY A 45 21.95 7.00 -6.94
N ALA A 46 21.44 7.48 -5.82
CA ALA A 46 19.97 7.59 -5.59
C ALA A 46 19.29 8.44 -6.62
N GLU A 47 19.94 9.53 -7.00
CA GLU A 47 19.31 10.41 -8.01
C GLU A 47 19.21 9.75 -9.37
N GLY A 48 20.24 8.98 -9.72
CA GLY A 48 20.14 8.23 -10.98
C GLY A 48 19.04 7.17 -10.97
N LEU A 49 18.97 6.45 -9.85
CA LEU A 49 17.91 5.47 -9.69
C LEU A 49 16.54 6.18 -9.78
N ALA A 50 16.37 7.33 -9.09
CA ALA A 50 15.10 8.00 -9.02
C ALA A 50 14.71 8.38 -10.48
N SER A 51 15.71 8.74 -11.29
CA SER A 51 15.38 9.16 -12.67
C SER A 51 14.87 7.98 -13.49
N LEU A 52 15.41 6.81 -13.25
CA LEU A 52 14.98 5.59 -13.90
C LEU A 52 13.52 5.23 -13.43
N LEU A 53 13.30 5.26 -12.12
CA LEU A 53 11.98 4.89 -11.59
C LEU A 53 10.86 5.87 -12.05
N ASP A 54 11.18 7.16 -12.21
CA ASP A 54 10.22 8.17 -12.68
C ASP A 54 9.79 7.85 -14.11
N ILE A 55 10.73 7.41 -14.93
CA ILE A 55 10.35 7.05 -16.29
C ILE A 55 9.52 5.82 -16.27
N LEU A 56 9.90 4.83 -15.48
CA LEU A 56 9.13 3.62 -15.48
C LEU A 56 7.67 3.88 -15.05
N LYS A 57 7.48 4.73 -14.05
CA LYS A 57 6.12 5.15 -13.67
C LYS A 57 5.37 5.80 -14.77
N ARG A 58 6.04 6.69 -15.45
CA ARG A 58 5.39 7.38 -16.59
C ARG A 58 4.95 6.36 -17.61
N LEU A 59 5.80 5.34 -17.88
CA LEU A 59 5.46 4.35 -18.90
C LEU A 59 4.18 3.60 -18.55
N HIS A 60 4.00 3.31 -17.27
CA HIS A 60 2.75 2.74 -16.83
C HIS A 60 1.59 3.72 -16.93
N ASP A 61 1.81 4.96 -16.49
CA ASP A 61 0.70 5.96 -16.41
C ASP A 61 0.14 6.36 -17.77
N GLU A 62 0.93 6.27 -18.83
CA GLU A 62 0.47 6.61 -20.19
C GLU A 62 0.14 5.34 -20.99
N LYS A 63 -0.66 4.43 -20.42
CA LYS A 63 -0.78 3.07 -20.91
C LYS A 63 0.61 2.47 -20.94
N GLY A 68 2.27 3.43 -27.95
CA GLY A 68 3.73 3.41 -27.80
C GLY A 68 4.39 2.08 -28.20
N ASN A 69 4.83 2.02 -29.47
CA ASN A 69 5.61 0.89 -30.01
C ASN A 69 6.86 0.47 -29.19
N TYR A 70 7.36 1.41 -28.41
CA TYR A 70 8.62 1.18 -27.70
C TYR A 70 8.40 0.93 -26.21
N ASP A 71 7.13 0.92 -25.74
CA ASP A 71 6.89 0.92 -24.30
C ASP A 71 7.44 -0.30 -23.65
N SER A 72 7.16 -1.46 -24.27
CA SER A 72 7.57 -2.69 -23.65
C SER A 72 9.07 -2.86 -23.66
N ARG A 73 9.70 -2.49 -24.75
CA ARG A 73 11.18 -2.49 -24.79
C ARG A 73 11.78 -1.52 -23.80
N ASN A 74 11.22 -0.32 -23.68
CA ASN A 74 11.74 0.70 -22.69
C ASN A 74 11.55 0.24 -21.28
N GLN A 75 10.39 -0.35 -20.95
CA GLN A 75 10.22 -0.96 -19.58
C GLN A 75 11.22 -2.04 -19.32
N HIS A 76 11.45 -2.93 -20.30
CA HIS A 76 12.38 -4.02 -20.01
C HIS A 76 13.79 -3.52 -19.90
N GLU A 77 14.17 -2.52 -20.72
CA GLU A 77 15.57 -2.01 -20.66
C GLU A 77 15.79 -1.34 -19.31
N ILE A 78 14.74 -0.66 -18.81
CA ILE A 78 14.85 -0.13 -17.42
C ILE A 78 15.08 -1.26 -16.45
N ILE A 79 14.31 -2.33 -16.51
CA ILE A 79 14.55 -3.47 -15.65
C ILE A 79 15.97 -4.04 -15.77
N ARG A 80 16.49 -4.08 -17.00
CA ARG A 80 17.91 -4.50 -17.16
C ARG A 80 18.86 -3.55 -16.47
N CYS A 81 18.60 -2.21 -16.51
CA CYS A 81 19.44 -1.22 -15.84
C CYS A 81 19.32 -1.50 -14.30
N LEU A 82 18.09 -1.78 -13.83
CA LEU A 82 17.96 -2.10 -12.37
C LEU A 82 18.69 -3.37 -11.98
N LYS A 83 18.70 -4.39 -12.85
CA LYS A 83 19.39 -5.62 -12.60
C LYS A 83 20.87 -5.35 -12.39
N ALA A 84 21.46 -4.50 -13.22
CA ALA A 84 22.90 -4.14 -13.04
C ALA A 84 23.13 -3.27 -11.81
N PHE A 85 22.27 -2.29 -11.61
CA PHE A 85 22.36 -1.38 -10.50
C PHE A 85 22.30 -2.18 -9.21
N MET A 86 21.45 -3.20 -9.18
CA MET A 86 21.28 -4.04 -7.96
C MET A 86 22.24 -5.23 -7.83
N ASN A 87 23.28 -5.25 -8.59
CA ASN A 87 24.18 -6.40 -8.51
C ASN A 87 25.26 -6.21 -7.48
N ASN A 88 25.06 -5.27 -6.57
CA ASN A 88 26.02 -4.96 -5.54
C ASN A 88 25.26 -4.45 -4.34
N LYS A 89 25.92 -4.40 -3.19
CA LYS A 89 25.20 -4.00 -1.98
C LYS A 89 24.71 -2.59 -1.89
N PHE A 90 25.46 -1.65 -2.45
CA PHE A 90 25.06 -0.28 -2.41
C PHE A 90 23.75 -0.11 -3.19
N GLY A 91 23.73 -0.73 -4.38
CA GLY A 91 22.50 -0.70 -5.23
C GLY A 91 21.27 -1.28 -4.56
N ILE A 92 21.46 -2.40 -3.91
CA ILE A 92 20.38 -3.06 -3.19
C ILE A 92 19.86 -2.18 -2.10
N LYS A 93 20.77 -1.69 -1.29
CA LYS A 93 20.42 -0.74 -0.24
C LYS A 93 19.68 0.49 -0.71
N THR A 94 20.13 1.07 -1.83
CA THR A 94 19.53 2.25 -2.37
C THR A 94 18.14 1.96 -2.96
N MET A 95 17.99 0.84 -3.65
CA MET A 95 16.65 0.46 -4.13
C MET A 95 15.62 0.26 -2.99
N LEU A 96 16.08 -0.34 -1.88
CA LEU A 96 15.20 -0.61 -0.75
C LEU A 96 14.86 0.65 -0.01
N GLU A 97 15.68 1.70 -0.12
CA GLU A 97 15.35 2.97 0.39
C GLU A 97 14.25 3.69 -0.35
N THR A 98 13.92 3.29 -1.61
CA THR A 98 12.91 4.00 -2.30
C THR A 98 11.52 3.63 -1.82
N GLU A 99 10.57 4.51 -2.08
CA GLU A 99 9.18 4.24 -1.74
C GLU A 99 8.52 3.30 -2.75
N GLU A 100 8.88 3.44 -4.03
CA GLU A 100 8.20 2.78 -5.13
C GLU A 100 8.94 1.67 -5.85
N GLY A 101 10.22 1.44 -5.50
CA GLY A 101 11.07 0.51 -6.26
C GLY A 101 10.47 -0.91 -6.29
N ILE A 102 10.16 -1.44 -5.10
CA ILE A 102 9.66 -2.80 -5.05
C ILE A 102 8.36 -2.94 -5.82
N LEU A 103 7.47 -1.97 -5.71
CA LEU A 103 6.20 -2.03 -6.39
C LEU A 103 6.41 -2.05 -7.90
N LEU A 104 7.39 -1.25 -8.33
CA LEU A 104 7.65 -1.18 -9.81
C LEU A 104 8.28 -2.49 -10.28
N LEU A 105 9.09 -3.15 -9.47
CA LEU A 105 9.56 -4.48 -9.85
C LEU A 105 8.40 -5.48 -9.94
N VAL A 106 7.44 -5.42 -9.01
CA VAL A 106 6.31 -6.30 -9.07
C VAL A 106 5.46 -6.00 -10.27
N ARG A 107 5.29 -4.74 -10.62
CA ARG A 107 4.52 -4.39 -11.86
C ARG A 107 5.20 -4.81 -13.13
N ALA A 108 6.48 -5.10 -13.06
CA ALA A 108 7.24 -5.65 -14.19
C ALA A 108 7.00 -7.13 -14.44
N MET A 109 6.28 -7.81 -13.53
CA MET A 109 5.98 -9.23 -13.64
C MET A 109 4.77 -9.42 -14.49
N ASP A 110 5.00 -9.20 -15.78
CA ASP A 110 3.94 -9.32 -16.78
C ASP A 110 4.22 -10.55 -17.66
N PRO A 111 3.41 -11.61 -17.52
CA PRO A 111 3.80 -12.88 -18.23
C PRO A 111 3.72 -12.78 -19.75
N ALA A 112 3.02 -11.76 -20.24
CA ALA A 112 3.06 -11.41 -21.68
C ALA A 112 4.37 -10.77 -22.13
N VAL A 113 5.24 -10.37 -21.19
CA VAL A 113 6.61 -9.96 -21.50
C VAL A 113 7.51 -10.85 -20.66
N PRO A 114 7.63 -12.14 -21.05
CA PRO A 114 8.19 -13.13 -20.15
C PRO A 114 9.61 -12.89 -19.75
N ASN A 115 10.44 -12.36 -20.63
CA ASN A 115 11.84 -12.14 -20.23
C ASN A 115 12.00 -10.97 -19.31
N MET A 116 11.11 -9.98 -19.39
CA MET A 116 11.10 -8.97 -18.36
C MET A 116 10.61 -9.55 -17.00
N MET A 117 9.55 -10.33 -17.02
CA MET A 117 9.03 -10.95 -15.76
C MET A 117 10.10 -11.79 -15.14
N ILE A 118 10.84 -12.55 -15.95
CA ILE A 118 11.94 -13.37 -15.41
C ILE A 118 12.95 -12.49 -14.71
N ASP A 119 13.39 -11.42 -15.35
CA ASP A 119 14.39 -10.55 -14.73
C ASP A 119 13.87 -9.93 -13.42
N ALA A 120 12.64 -9.43 -13.43
CA ALA A 120 12.11 -8.79 -12.22
C ALA A 120 11.94 -9.82 -11.09
N ALA A 121 11.44 -11.01 -11.42
CA ALA A 121 11.15 -12.07 -10.39
C ALA A 121 12.44 -12.47 -9.77
N LYS A 122 13.51 -12.52 -10.57
CA LYS A 122 14.80 -12.89 -9.97
C LYS A 122 15.33 -11.86 -8.98
N LEU A 123 15.12 -10.60 -9.32
CA LEU A 123 15.52 -9.49 -8.44
C LEU A 123 14.71 -9.54 -7.15
N LEU A 124 13.44 -9.80 -7.29
CA LEU A 124 12.58 -9.91 -6.09
C LEU A 124 13.01 -11.11 -5.17
N SER A 125 13.29 -12.23 -5.77
CA SER A 125 13.66 -13.47 -5.08
C SER A 125 14.93 -13.18 -4.31
N ALA A 126 15.89 -12.46 -4.90
CA ALA A 126 17.16 -12.16 -4.26
C ALA A 126 16.96 -11.21 -3.10
N LEU A 127 16.01 -10.25 -3.22
CA LEU A 127 15.70 -9.44 -2.04
C LEU A 127 15.17 -10.29 -0.83
N CYS A 128 14.34 -11.28 -1.15
CA CYS A 128 13.68 -12.06 -0.13
C CYS A 128 14.64 -12.91 0.69
N ILE A 129 15.72 -13.35 0.08
CA ILE A 129 16.65 -14.17 0.81
C ILE A 129 17.78 -13.37 1.48
N LEU A 130 17.79 -12.04 1.37
CA LEU A 130 18.87 -11.24 1.97
C LEU A 130 18.89 -11.44 3.49
N PRO A 131 20.08 -11.61 4.08
CA PRO A 131 20.08 -11.64 5.55
C PRO A 131 19.47 -10.35 6.09
N GLN A 132 19.86 -9.21 5.52
CA GLN A 132 19.45 -7.90 6.01
C GLN A 132 19.08 -6.93 4.90
N PRO A 133 18.02 -6.11 5.12
CA PRO A 133 17.10 -6.22 6.23
C PRO A 133 16.30 -7.52 6.07
N GLU A 134 15.69 -7.91 7.17
CA GLU A 134 14.96 -9.15 7.27
C GLU A 134 13.56 -8.89 6.72
N ASP A 135 12.90 -9.97 6.32
CA ASP A 135 11.48 -9.91 6.00
C ASP A 135 11.17 -9.02 4.80
N MET A 136 12.08 -9.03 3.84
CA MET A 136 11.77 -8.43 2.55
C MET A 136 10.60 -9.13 1.85
N ASN A 137 10.41 -10.40 2.17
CA ASN A 137 9.25 -11.10 1.64
C ASN A 137 7.95 -10.30 1.97
N GLU A 138 7.85 -9.73 3.16
CA GLU A 138 6.65 -8.99 3.57
C GLU A 138 6.46 -7.75 2.71
N ARG A 139 7.56 -7.09 2.33
CA ARG A 139 7.47 -5.91 1.54
C ARG A 139 7.10 -6.29 0.15
N VAL A 140 7.59 -7.42 -0.31
CA VAL A 140 7.14 -7.91 -1.67
C VAL A 140 5.64 -8.22 -1.71
N LEU A 141 5.13 -8.90 -0.70
CA LEU A 141 3.74 -9.22 -0.61
C LEU A 141 2.87 -7.99 -0.49
N GLU A 142 3.33 -6.96 0.23
CA GLU A 142 2.60 -5.69 0.31
C GLU A 142 2.44 -5.13 -1.10
N ALA A 143 3.53 -5.16 -1.86
CA ALA A 143 3.48 -4.61 -3.20
C ALA A 143 2.63 -5.47 -4.15
N MET A 144 2.68 -6.79 -3.99
CA MET A 144 1.80 -7.70 -4.79
C MET A 144 0.34 -7.41 -4.49
N THR A 145 0.03 -7.07 -3.22
CA THR A 145 -1.33 -6.72 -2.86
C THR A 145 -1.79 -5.43 -3.52
N GLU A 146 -0.93 -4.41 -3.52
CA GLU A 146 -1.22 -3.14 -4.12
C GLU A 146 -1.42 -3.37 -5.61
N ARG A 147 -0.57 -4.12 -6.26
CA ARG A 147 -0.70 -4.38 -7.72
C ARG A 147 -1.99 -5.07 -7.98
N ALA A 148 -2.39 -6.01 -7.11
CA ALA A 148 -3.63 -6.77 -7.34
C ALA A 148 -4.83 -5.82 -7.34
N GLU A 149 -4.81 -4.85 -6.42
CA GLU A 149 -5.91 -3.89 -6.31
C GLU A 149 -5.91 -3.02 -7.60
N MET A 150 -4.73 -2.58 -8.02
CA MET A 150 -4.60 -1.68 -9.20
C MET A 150 -5.01 -2.39 -10.48
N ASP A 151 -4.63 -3.66 -10.66
CA ASP A 151 -4.90 -4.44 -11.90
C ASP A 151 -6.23 -5.19 -11.81
N GLU A 152 -6.87 -5.21 -10.64
CA GLU A 152 -8.12 -5.96 -10.43
C GLU A 152 -8.00 -7.47 -10.73
N VAL A 153 -6.99 -8.11 -10.15
CA VAL A 153 -6.72 -9.54 -10.27
C VAL A 153 -6.43 -10.11 -8.85
N GLU A 154 -6.43 -11.43 -8.67
CA GLU A 154 -5.97 -12.00 -7.37
C GLU A 154 -4.48 -11.86 -7.27
N ARG A 155 -3.94 -11.63 -6.07
CA ARG A 155 -2.57 -11.19 -6.03
C ARG A 155 -1.52 -12.15 -6.55
N PHE A 156 -1.75 -13.47 -6.46
CA PHE A 156 -0.77 -14.41 -6.94
C PHE A 156 -1.05 -14.83 -8.38
N GLN A 157 -2.02 -14.23 -9.01
CA GLN A 157 -2.35 -14.70 -10.36
C GLN A 157 -1.24 -14.54 -11.39
N PRO A 158 -0.45 -13.44 -11.35
CA PRO A 158 0.66 -13.36 -12.30
C PRO A 158 1.64 -14.49 -12.17
N LEU A 159 1.97 -14.92 -10.94
CA LEU A 159 2.83 -16.07 -10.73
C LEU A 159 2.21 -17.36 -11.25
N LEU A 160 0.96 -17.60 -10.95
CA LEU A 160 0.29 -18.74 -11.57
C LEU A 160 0.27 -18.74 -13.10
N ASP A 161 0.09 -17.56 -13.68
CA ASP A 161 0.04 -17.44 -15.15
C ASP A 161 1.37 -17.82 -15.71
N GLY A 162 2.46 -17.49 -15.02
CA GLY A 162 3.83 -17.82 -15.42
C GLY A 162 4.12 -19.31 -15.40
N LEU A 163 3.36 -20.07 -14.60
CA LEU A 163 3.47 -21.51 -14.53
C LEU A 163 2.63 -22.31 -15.51
N LYS A 164 1.78 -21.64 -16.28
CA LYS A 164 0.90 -22.34 -17.25
C LYS A 164 1.68 -23.09 -18.31
N SER A 165 1.15 -24.21 -18.73
CA SER A 165 1.79 -24.95 -19.82
C SER A 165 1.74 -23.95 -20.95
N GLY A 166 2.82 -23.84 -21.64
CA GLY A 166 2.82 -22.88 -22.73
C GLY A 166 3.90 -21.88 -22.53
N THR A 167 4.21 -21.56 -21.26
CA THR A 167 5.26 -20.61 -21.00
C THR A 167 6.58 -21.27 -21.11
N SER A 168 7.62 -20.47 -21.22
CA SER A 168 8.99 -21.03 -21.27
C SER A 168 9.35 -21.68 -19.96
N ILE A 169 10.30 -22.61 -20.04
CA ILE A 169 10.80 -23.27 -18.83
C ILE A 169 11.47 -22.23 -17.92
N ALA A 170 12.25 -21.30 -18.48
CA ALA A 170 12.88 -20.27 -17.66
C ALA A 170 11.85 -19.44 -16.85
N LEU A 171 10.72 -19.13 -17.43
CA LEU A 171 9.70 -18.37 -16.68
C LEU A 171 9.10 -19.23 -15.56
N LYS A 172 8.74 -20.50 -15.88
CA LYS A 172 8.27 -21.44 -14.85
C LYS A 172 9.21 -21.56 -13.67
N VAL A 173 10.49 -21.77 -13.96
CA VAL A 173 11.46 -21.82 -12.92
C VAL A 173 11.52 -20.52 -12.09
N GLY A 174 11.49 -19.36 -12.74
CA GLY A 174 11.57 -18.07 -12.00
C GLY A 174 10.36 -17.83 -11.14
N CYS A 175 9.19 -18.30 -11.60
CA CYS A 175 7.94 -18.17 -10.82
C CYS A 175 8.02 -19.05 -9.58
N LEU A 176 8.43 -20.32 -9.75
CA LEU A 176 8.44 -21.19 -8.55
C LEU A 176 9.56 -20.70 -7.67
N GLN A 177 10.65 -20.16 -8.25
CA GLN A 177 11.75 -19.64 -7.38
C GLN A 177 11.25 -18.49 -6.50
N LEU A 178 10.45 -17.61 -7.05
CA LEU A 178 9.90 -16.51 -6.23
C LEU A 178 8.90 -17.00 -5.20
N ILE A 179 8.09 -18.00 -5.53
CA ILE A 179 7.14 -18.61 -4.57
C ILE A 179 7.98 -19.08 -3.42
N ASN A 180 9.02 -19.84 -3.71
CA ASN A 180 9.89 -20.32 -2.60
C ASN A 180 10.55 -19.22 -1.80
N ALA A 181 10.93 -18.13 -2.44
CA ALA A 181 11.51 -16.99 -1.79
C ALA A 181 10.54 -16.21 -0.91
N LEU A 182 9.26 -16.31 -1.22
CA LEU A 182 8.25 -15.69 -0.35
C LEU A 182 7.99 -16.53 0.92
N ILE A 183 8.05 -17.84 0.79
CA ILE A 183 7.67 -18.76 1.84
C ILE A 183 8.82 -19.13 2.75
N THR A 184 9.88 -19.66 2.13
CA THR A 184 10.92 -20.31 2.89
C THR A 184 11.61 -19.38 3.87
N PRO A 185 11.89 -18.09 3.51
CA PRO A 185 12.58 -17.26 4.54
C PRO A 185 11.78 -16.84 5.75
N ALA A 186 10.47 -17.00 5.68
CA ALA A 186 9.58 -16.57 6.79
C ALA A 186 9.81 -17.45 7.99
N GLU A 187 9.99 -16.84 9.16
CA GLU A 187 10.15 -17.58 10.43
C GLU A 187 8.84 -18.16 11.01
N GLU A 188 7.71 -17.58 10.69
CA GLU A 188 6.41 -17.88 11.34
C GLU A 188 5.74 -19.04 10.61
N LEU A 189 5.66 -20.21 11.25
CA LEU A 189 5.06 -21.37 10.65
C LEU A 189 3.67 -21.08 10.09
N ASP A 190 2.84 -20.41 10.86
CA ASP A 190 1.45 -20.28 10.40
C ASP A 190 1.35 -19.39 9.20
N PHE A 191 2.30 -18.51 9.05
CA PHE A 191 2.29 -17.66 7.81
C PHE A 191 2.69 -18.49 6.60
N ARG A 192 3.73 -19.29 6.74
CA ARG A 192 4.14 -20.17 5.63
C ARG A 192 2.99 -21.06 5.16
N VAL A 193 2.33 -21.70 6.13
CA VAL A 193 1.22 -22.58 5.83
C VAL A 193 0.10 -21.82 5.12
N HIS A 194 -0.16 -20.61 5.62
CA HIS A 194 -1.22 -19.77 5.00
C HIS A 194 -0.97 -19.42 3.56
N ILE A 195 0.21 -18.91 3.28
CA ILE A 195 0.57 -18.51 1.89
C ILE A 195 0.53 -19.68 0.96
N ARG A 196 1.09 -20.78 1.42
CA ARG A 196 1.08 -22.00 0.63
C ARG A 196 -0.34 -22.40 0.29
N SER A 197 -1.24 -22.33 1.29
CA SER A 197 -2.62 -22.68 1.07
C SER A 197 -3.32 -21.71 0.11
N GLU A 198 -3.02 -20.42 0.26
CA GLU A 198 -3.54 -19.44 -0.73
C GLU A 198 -3.14 -19.75 -2.15
N LEU A 199 -1.86 -20.14 -2.36
CA LEU A 199 -1.42 -20.50 -3.71
C LEU A 199 -2.13 -21.77 -4.18
N MET A 200 -2.25 -22.73 -3.29
CA MET A 200 -2.87 -24.04 -3.67
C MET A 200 -4.29 -23.81 -4.10
N ARG A 201 -5.01 -23.01 -3.33
CA ARG A 201 -6.40 -22.68 -3.67
C ARG A 201 -6.59 -21.93 -4.96
N LEU A 202 -5.64 -21.06 -5.32
CA LEU A 202 -5.72 -20.35 -6.58
C LEU A 202 -5.43 -21.23 -7.73
N GLY A 203 -4.83 -22.39 -7.54
CA GLY A 203 -4.63 -23.28 -8.66
C GLY A 203 -3.26 -23.92 -8.69
N LEU A 204 -2.41 -23.69 -7.69
CA LEU A 204 -1.10 -24.31 -7.75
C LEU A 204 -1.21 -25.83 -7.64
N HIS A 205 -2.22 -26.32 -6.96
CA HIS A 205 -2.40 -27.77 -6.78
C HIS A 205 -2.38 -28.49 -8.12
N GLN A 206 -3.18 -28.03 -9.06
CA GLN A 206 -3.22 -28.65 -10.38
C GLN A 206 -1.92 -28.47 -11.20
N VAL A 207 -1.41 -27.25 -11.19
CA VAL A 207 -0.20 -26.88 -11.87
C VAL A 207 0.99 -27.74 -11.48
N LEU A 208 1.12 -28.02 -10.19
CA LEU A 208 2.27 -28.79 -9.70
C LEU A 208 2.35 -30.15 -10.32
N GLN A 209 1.18 -30.75 -10.55
CA GLN A 209 1.17 -32.05 -11.23
C GLN A 209 1.88 -31.95 -12.58
N GLU A 210 1.58 -30.90 -13.36
CA GLU A 210 2.23 -30.68 -14.67
C GLU A 210 3.71 -30.38 -14.52
N LEU A 211 4.07 -29.61 -13.48
CA LEU A 211 5.48 -29.25 -13.30
C LEU A 211 6.39 -30.43 -12.99
N ARG A 212 5.88 -31.41 -12.26
CA ARG A 212 6.67 -32.57 -11.87
C ARG A 212 7.07 -33.43 -13.07
N GLU A 213 6.36 -33.31 -14.18
CA GLU A 213 6.71 -34.10 -15.35
C GLU A 213 7.85 -33.50 -16.13
N ILE A 214 8.21 -32.23 -15.85
CA ILE A 214 9.22 -31.54 -16.63
C ILE A 214 10.62 -32.05 -16.30
N GLU A 215 11.36 -32.44 -17.33
CA GLU A 215 12.73 -32.91 -17.19
C GLU A 215 13.70 -31.74 -17.32
N ASN A 216 13.83 -31.00 -16.25
CA ASN A 216 14.72 -29.87 -16.23
C ASN A 216 15.23 -29.80 -14.81
N GLU A 217 16.52 -29.79 -14.63
CA GLU A 217 17.07 -29.87 -13.28
C GLU A 217 16.76 -28.62 -12.43
N ASP A 218 16.76 -27.45 -13.04
CA ASP A 218 16.53 -26.22 -12.28
C ASP A 218 15.11 -26.25 -11.75
N MET A 219 14.16 -26.73 -12.52
CA MET A 219 12.80 -26.96 -12.01
C MET A 219 12.77 -27.96 -10.84
N LYS A 220 13.47 -29.10 -10.99
CA LYS A 220 13.49 -30.08 -9.96
C LYS A 220 14.06 -29.54 -8.64
N VAL A 221 15.07 -28.67 -8.72
CA VAL A 221 15.65 -28.07 -7.54
C VAL A 221 14.53 -27.25 -6.81
N GLN A 222 13.79 -26.45 -7.56
CA GLN A 222 12.77 -25.61 -6.92
C GLN A 222 11.63 -26.48 -6.39
N LEU A 223 11.26 -27.55 -7.10
CA LEU A 223 10.16 -28.39 -6.60
C LEU A 223 10.58 -29.05 -5.31
N CYS A 224 11.85 -29.45 -5.26
CA CYS A 224 12.40 -30.06 -4.04
C CYS A 224 12.35 -29.16 -2.82
N VAL A 225 12.73 -27.90 -3.00
CA VAL A 225 12.66 -26.91 -1.94
C VAL A 225 11.19 -26.72 -1.50
N PHE A 226 10.30 -26.56 -2.45
CA PHE A 226 8.93 -26.34 -2.18
C PHE A 226 8.33 -27.55 -1.40
N ASP A 227 8.55 -28.77 -1.88
CA ASP A 227 7.95 -29.97 -1.27
C ASP A 227 8.53 -30.20 0.11
N GLU A 228 9.85 -30.06 0.24
CA GLU A 228 10.42 -30.30 1.58
C GLU A 228 9.92 -29.34 2.62
N GLN A 229 9.87 -28.07 2.26
CA GLN A 229 9.44 -27.06 3.21
C GLN A 229 7.98 -27.38 3.61
N GLY A 230 7.13 -27.73 2.64
CA GLY A 230 5.75 -28.12 2.88
C GLY A 230 5.68 -29.31 3.84
N ASP A 231 6.50 -30.30 3.58
CA ASP A 231 6.51 -31.50 4.42
C ASP A 231 6.88 -31.17 5.83
N GLU A 232 7.85 -30.31 6.00
CA GLU A 232 8.31 -29.91 7.35
C GLU A 232 7.27 -29.11 8.13
N ASP A 233 6.58 -28.22 7.41
CA ASP A 233 5.55 -27.43 7.98
C ASP A 233 4.38 -28.29 8.48
N PHE A 234 3.96 -29.22 7.63
CA PHE A 234 2.82 -30.04 8.03
C PHE A 234 3.28 -30.97 9.17
N PHE A 235 4.54 -31.41 9.17
CA PHE A 235 5.05 -32.19 10.29
C PHE A 235 4.95 -31.38 11.60
N ASP A 236 5.35 -30.12 11.54
CA ASP A 236 5.34 -29.22 12.69
C ASP A 236 3.97 -28.84 13.17
N LEU A 237 3.00 -28.85 12.28
CA LEU A 237 1.63 -28.66 12.70
C LEU A 237 1.07 -29.82 13.52
N LYS A 238 1.55 -31.05 13.30
CA LYS A 238 1.30 -32.18 14.26
C LYS A 238 2.41 -32.18 15.34
N SER B 5 -14.14 -17.40 -0.73
CA SER B 5 -15.51 -16.89 -0.61
C SER B 5 -15.55 -15.94 0.65
N ALA B 6 -16.67 -15.30 0.80
CA ALA B 6 -16.92 -14.45 1.95
C ALA B 6 -16.95 -15.24 3.22
N MET B 7 -17.60 -16.42 3.19
CA MET B 7 -17.63 -17.25 4.38
C MET B 7 -16.26 -17.71 4.78
N MET B 8 -15.38 -18.02 3.81
CA MET B 8 -14.02 -18.41 4.12
C MET B 8 -13.28 -17.34 4.97
N TYR B 9 -13.45 -16.09 4.58
CA TYR B 9 -12.79 -14.97 5.25
C TYR B 9 -13.32 -14.84 6.65
N ILE B 10 -14.62 -14.93 6.79
CA ILE B 10 -15.24 -14.82 8.11
C ILE B 10 -14.73 -15.89 9.09
N GLN B 11 -14.70 -17.15 8.63
CA GLN B 11 -14.20 -18.28 9.35
C GLN B 11 -12.79 -17.94 9.82
N GLU B 12 -11.97 -17.44 8.91
CA GLU B 12 -10.58 -17.21 9.23
C GLU B 12 -10.44 -16.06 10.27
N LEU B 13 -11.19 -14.98 10.05
CA LEU B 13 -11.08 -13.76 10.87
C LEU B 13 -11.62 -14.02 12.25
N ARG B 14 -12.62 -14.92 12.34
CA ARG B 14 -13.19 -15.22 13.67
C ARG B 14 -12.37 -16.21 14.44
N SER B 15 -11.42 -16.87 13.78
CA SER B 15 -10.58 -17.90 14.39
C SER B 15 -9.39 -17.43 15.23
N GLY B 16 -9.10 -16.14 15.31
CA GLY B 16 -8.03 -15.65 16.22
C GLY B 16 -6.59 -15.60 15.65
N LEU B 17 -6.49 -15.20 14.41
CA LEU B 17 -5.21 -15.02 13.76
C LEU B 17 -4.35 -13.90 14.34
N ARG B 18 -3.03 -14.01 14.16
CA ARG B 18 -2.10 -13.00 14.65
C ARG B 18 -1.03 -12.71 13.64
N ASP B 19 -0.41 -11.56 13.81
CA ASP B 19 0.92 -11.28 13.20
C ASP B 19 0.85 -11.40 11.70
N MET B 20 1.82 -12.07 11.06
CA MET B 20 1.82 -12.03 9.61
C MET B 20 0.75 -12.94 8.99
N HIS B 21 0.32 -13.99 9.68
CA HIS B 21 -0.86 -14.76 9.21
C HIS B 21 -2.10 -13.85 9.12
N LEU B 22 -2.38 -13.07 10.16
CA LEU B 22 -3.47 -12.09 10.09
C LEU B 22 -3.28 -11.11 8.95
N LEU B 23 -2.09 -10.54 8.81
CA LEU B 23 -1.89 -9.50 7.79
C LEU B 23 -2.13 -10.12 6.45
N SER B 24 -1.66 -11.35 6.25
CA SER B 24 -1.88 -11.97 4.89
C SER B 24 -3.34 -12.17 4.59
N CYS B 25 -4.11 -12.59 5.59
CA CYS B 25 -5.57 -12.73 5.44
C CYS B 25 -6.20 -11.37 5.06
N LEU B 26 -5.81 -10.33 5.82
CA LEU B 26 -6.33 -9.00 5.62
C LEU B 26 -6.00 -8.42 4.25
N GLU B 27 -4.79 -8.72 3.75
CA GLU B 27 -4.34 -8.25 2.47
C GLU B 27 -5.22 -8.87 1.38
N SER B 28 -5.47 -10.17 1.50
CA SER B 28 -6.35 -10.87 0.54
C SER B 28 -7.78 -10.33 0.57
N LEU B 29 -8.32 -10.13 1.74
CA LEU B 29 -9.64 -9.56 1.89
C LEU B 29 -9.75 -8.18 1.32
N ARG B 30 -8.75 -7.35 1.50
CA ARG B 30 -8.71 -5.97 0.99
C ARG B 30 -8.83 -6.06 -0.52
N VAL B 31 -8.11 -6.98 -1.14
CA VAL B 31 -8.15 -7.11 -2.62
C VAL B 31 -9.56 -7.57 -3.01
N SER B 32 -10.07 -8.58 -2.32
CA SER B 32 -11.43 -9.07 -2.60
C SER B 32 -12.48 -7.99 -2.46
N LEU B 33 -12.41 -7.18 -1.40
CA LEU B 33 -13.42 -6.12 -1.21
C LEU B 33 -13.36 -5.04 -2.32
N ASN B 34 -12.18 -4.81 -2.88
CA ASN B 34 -11.99 -3.84 -3.94
C ASN B 34 -12.43 -4.44 -5.32
N ASN B 35 -12.18 -5.72 -5.54
CA ASN B 35 -12.34 -6.35 -6.85
C ASN B 35 -13.74 -6.89 -7.04
N ASN B 36 -14.41 -7.28 -5.97
CA ASN B 36 -15.65 -8.01 -6.14
C ASN B 36 -16.82 -7.03 -6.21
N PRO B 37 -17.96 -7.51 -6.68
CA PRO B 37 -19.12 -6.61 -6.70
C PRO B 37 -19.77 -6.42 -5.31
N VAL B 38 -20.68 -5.45 -5.19
CA VAL B 38 -21.38 -5.13 -3.96
C VAL B 38 -22.16 -6.35 -3.45
N SER B 39 -22.65 -7.22 -4.35
CA SER B 39 -23.34 -8.40 -3.87
C SER B 39 -22.46 -9.27 -3.02
N TRP B 40 -21.16 -9.30 -3.34
CA TRP B 40 -20.21 -10.08 -2.55
C TRP B 40 -19.99 -9.42 -1.17
N VAL B 41 -19.89 -8.11 -1.16
CA VAL B 41 -19.76 -7.33 0.09
C VAL B 41 -20.98 -7.60 0.96
N GLN B 42 -22.18 -7.77 0.36
CA GLN B 42 -23.36 -8.12 1.16
C GLN B 42 -23.31 -9.49 1.80
N THR B 43 -22.69 -10.47 1.14
CA THR B 43 -22.55 -11.75 1.72
C THR B 43 -21.54 -11.70 2.89
N PHE B 44 -20.50 -10.91 2.71
CA PHE B 44 -19.54 -10.69 3.81
C PHE B 44 -20.31 -10.05 4.98
N GLY B 45 -20.95 -8.94 4.69
CA GLY B 45 -22.03 -8.43 5.53
C GLY B 45 -21.66 -7.83 6.88
N ALA B 46 -22.68 -7.69 7.70
CA ALA B 46 -22.52 -7.24 9.07
C ALA B 46 -21.61 -8.14 9.89
N GLU B 47 -21.74 -9.44 9.67
CA GLU B 47 -20.97 -10.38 10.41
C GLU B 47 -19.45 -10.24 10.03
N GLY B 48 -19.17 -10.09 8.77
CA GLY B 48 -17.78 -9.90 8.33
C GLY B 48 -17.21 -8.56 8.90
N LEU B 49 -18.03 -7.52 8.85
CA LEU B 49 -17.65 -6.22 9.42
C LEU B 49 -17.38 -6.38 10.88
N ALA B 50 -18.28 -7.09 11.60
CA ALA B 50 -18.13 -7.22 13.02
C ALA B 50 -16.83 -7.93 13.33
N SER B 51 -16.47 -8.91 12.48
CA SER B 51 -15.24 -9.64 12.73
C SER B 51 -14.01 -8.78 12.59
N LEU B 52 -14.05 -7.85 11.63
CA LEU B 52 -12.98 -6.88 11.46
C LEU B 52 -12.86 -5.93 12.65
N LEU B 53 -14.02 -5.43 13.11
CA LEU B 53 -14.02 -4.49 14.23
C LEU B 53 -13.59 -5.11 15.55
N ASP B 54 -13.89 -6.38 15.76
CA ASP B 54 -13.43 -7.09 16.92
C ASP B 54 -11.94 -7.23 16.95
N ILE B 55 -11.36 -7.52 15.80
CA ILE B 55 -9.91 -7.61 15.75
C ILE B 55 -9.28 -6.30 16.05
N LEU B 56 -9.83 -5.22 15.44
CA LEU B 56 -9.28 -3.90 15.70
C LEU B 56 -9.32 -3.52 17.17
N LYS B 57 -10.45 -3.82 17.82
CA LYS B 57 -10.58 -3.60 19.26
C LYS B 57 -9.54 -4.42 20.07
N ARG B 58 -9.31 -5.66 19.69
CA ARG B 58 -8.27 -6.48 20.37
C ARG B 58 -6.90 -5.89 20.19
N LEU B 59 -6.63 -5.35 18.99
CA LEU B 59 -5.31 -4.75 18.74
C LEU B 59 -5.05 -3.54 19.63
N HIS B 60 -6.08 -2.74 19.89
CA HIS B 60 -6.02 -1.63 20.84
C HIS B 60 -5.84 -2.20 22.26
N ASP B 61 -6.66 -3.16 22.64
CA ASP B 61 -6.69 -3.63 24.05
C ASP B 61 -5.39 -4.25 24.48
N GLU B 62 -4.63 -4.82 23.55
CA GLU B 62 -3.34 -5.43 23.88
C GLU B 62 -2.10 -4.55 23.63
N LYS B 63 -2.31 -3.32 23.20
CA LYS B 63 -1.26 -2.32 22.97
C LYS B 63 -1.74 -1.50 21.78
N ASN B 69 5.29 -6.33 16.55
CA ASN B 69 5.83 -5.82 15.25
C ASN B 69 4.83 -5.63 14.10
N TYR B 70 3.70 -6.34 14.17
CA TYR B 70 2.71 -6.29 13.09
C TYR B 70 1.45 -5.43 13.42
N ASP B 71 1.37 -4.81 14.61
CA ASP B 71 0.10 -4.20 15.05
C ASP B 71 -0.31 -3.06 14.21
N SER B 72 0.65 -2.18 13.88
CA SER B 72 0.36 -1.03 13.03
C SER B 72 -0.04 -1.44 11.66
N ARG B 73 0.71 -2.39 11.11
CA ARG B 73 0.30 -2.87 9.76
C ARG B 73 -1.04 -3.54 9.74
N ASN B 74 -1.35 -4.35 10.75
CA ASN B 74 -2.63 -5.00 10.85
C ASN B 74 -3.79 -4.00 11.07
N GLN B 75 -3.57 -3.00 11.95
CA GLN B 75 -4.56 -1.93 12.08
C GLN B 75 -4.80 -1.23 10.74
N HIS B 76 -3.72 -0.90 10.04
CA HIS B 76 -3.90 -0.14 8.79
C HIS B 76 -4.57 -1.01 7.77
N GLU B 77 -4.22 -2.30 7.74
CA GLU B 77 -4.84 -3.16 6.71
C GLU B 77 -6.35 -3.29 6.96
N ILE B 78 -6.75 -3.31 8.25
CA ILE B 78 -8.22 -3.31 8.55
C ILE B 78 -8.87 -2.04 8.05
N ILE B 79 -8.18 -0.90 8.25
CA ILE B 79 -8.68 0.37 7.75
C ILE B 79 -8.82 0.39 6.20
N ARG B 80 -7.86 -0.25 5.50
CA ARG B 80 -8.03 -0.41 4.07
C ARG B 80 -9.21 -1.25 3.75
N CYS B 81 -9.46 -2.32 4.48
CA CYS B 81 -10.63 -3.15 4.30
C CYS B 81 -11.91 -2.31 4.49
N LEU B 82 -11.92 -1.48 5.53
CA LEU B 82 -13.09 -0.64 5.75
C LEU B 82 -13.30 0.39 4.66
N LYS B 83 -12.20 0.93 4.11
CA LYS B 83 -12.30 1.91 3.06
C LYS B 83 -13.04 1.26 1.89
N ALA B 84 -12.66 0.03 1.57
CA ALA B 84 -13.34 -0.62 0.37
C ALA B 84 -14.79 -0.99 0.73
N PHE B 85 -14.98 -1.56 1.92
CA PHE B 85 -16.30 -1.97 2.40
C PHE B 85 -17.27 -0.77 2.39
N MET B 86 -16.76 0.43 2.72
CA MET B 86 -17.57 1.67 2.74
C MET B 86 -17.63 2.39 1.42
N ASN B 87 -17.21 1.77 0.34
CA ASN B 87 -17.26 2.49 -0.93
C ASN B 87 -18.59 2.39 -1.63
N ASN B 88 -19.63 1.97 -0.93
CA ASN B 88 -20.96 1.74 -1.53
C ASN B 88 -21.96 1.98 -0.46
N LYS B 89 -23.19 2.18 -0.81
CA LYS B 89 -24.20 2.52 0.19
C LYS B 89 -24.49 1.45 1.20
N PHE B 90 -24.46 0.19 0.80
CA PHE B 90 -24.73 -0.87 1.76
C PHE B 90 -23.66 -0.84 2.87
N GLY B 91 -22.41 -0.69 2.45
CA GLY B 91 -21.30 -0.66 3.43
C GLY B 91 -21.38 0.48 4.44
N ILE B 92 -21.71 1.63 3.93
CA ILE B 92 -21.86 2.83 4.74
C ILE B 92 -22.99 2.60 5.76
N LYS B 93 -24.14 2.16 5.26
CA LYS B 93 -25.24 1.85 6.13
C LYS B 93 -24.90 0.85 7.22
N THR B 94 -24.23 -0.22 6.82
CA THR B 94 -23.87 -1.25 7.73
C THR B 94 -22.87 -0.75 8.78
N MET B 95 -21.85 0.03 8.38
CA MET B 95 -20.93 0.63 9.33
C MET B 95 -21.67 1.50 10.37
N LEU B 96 -22.56 2.31 9.91
CA LEU B 96 -23.28 3.25 10.75
C LEU B 96 -24.22 2.55 11.72
N GLU B 97 -24.61 1.32 11.41
CA GLU B 97 -25.40 0.52 12.36
C GLU B 97 -24.62 -0.02 13.48
N THR B 98 -23.26 -0.05 13.37
CA THR B 98 -22.50 -0.63 14.41
C THR B 98 -22.44 0.35 15.60
N GLU B 99 -22.19 -0.19 16.77
CA GLU B 99 -22.04 0.65 17.96
C GLU B 99 -20.66 1.30 17.97
N GLU B 100 -19.66 0.61 17.46
CA GLU B 100 -18.26 0.97 17.69
C GLU B 100 -17.50 1.44 16.46
N GLY B 101 -18.11 1.36 15.26
CA GLY B 101 -17.36 1.59 14.01
C GLY B 101 -16.76 3.01 13.94
N ILE B 102 -17.59 4.02 14.24
CA ILE B 102 -17.15 5.39 14.13
C ILE B 102 -16.03 5.65 15.14
N LEU B 103 -16.19 5.15 16.39
CA LEU B 103 -15.17 5.29 17.36
C LEU B 103 -13.85 4.65 16.90
N LEU B 104 -13.93 3.49 16.26
CA LEU B 104 -12.69 2.82 15.85
C LEU B 104 -12.05 3.57 14.69
N LEU B 105 -12.85 4.17 13.80
CA LEU B 105 -12.23 5.03 12.80
C LEU B 105 -11.55 6.20 13.45
N VAL B 106 -12.18 6.81 14.47
CA VAL B 106 -11.50 7.91 15.15
C VAL B 106 -10.22 7.45 15.82
N ARG B 107 -10.23 6.28 16.44
CA ARG B 107 -9.01 5.77 17.09
C ARG B 107 -7.91 5.42 16.14
N ALA B 108 -8.26 5.24 14.87
CA ALA B 108 -7.29 5.05 13.82
C ALA B 108 -6.56 6.31 13.37
N MET B 109 -6.97 7.46 13.89
CA MET B 109 -6.29 8.73 13.59
C MET B 109 -5.07 8.90 14.49
N ASP B 110 -4.03 8.17 14.13
CA ASP B 110 -2.79 8.16 14.88
C ASP B 110 -1.74 8.78 14.00
N PRO B 111 -1.32 10.00 14.32
CA PRO B 111 -0.39 10.68 13.40
C PRO B 111 1.01 10.03 13.26
N ALA B 112 1.38 9.19 14.19
CA ALA B 112 2.55 8.31 14.02
C ALA B 112 2.36 7.16 13.00
N VAL B 113 1.12 6.91 12.54
CA VAL B 113 0.85 6.03 11.42
C VAL B 113 0.09 6.84 10.34
N PRO B 114 0.83 7.76 9.67
CA PRO B 114 0.13 8.82 8.95
C PRO B 114 -0.73 8.36 7.83
N ASN B 115 -0.36 7.30 7.13
CA ASN B 115 -1.20 6.89 6.05
C ASN B 115 -2.49 6.21 6.55
N MET B 116 -2.43 5.61 7.73
CA MET B 116 -3.66 5.10 8.27
C MET B 116 -4.54 6.28 8.72
N MET B 117 -3.94 7.31 9.36
CA MET B 117 -4.75 8.47 9.80
C MET B 117 -5.41 9.11 8.58
N ILE B 118 -4.67 9.19 7.48
CA ILE B 118 -5.22 9.82 6.28
C ILE B 118 -6.42 9.04 5.83
N ASP B 119 -6.28 7.72 5.79
CA ASP B 119 -7.42 6.89 5.31
C ASP B 119 -8.69 7.02 6.19
N ALA B 120 -8.46 6.96 7.49
CA ALA B 120 -9.54 7.06 8.46
C ALA B 120 -10.18 8.44 8.43
N ALA B 121 -9.38 9.51 8.39
CA ALA B 121 -9.86 10.89 8.39
C ALA B 121 -10.70 11.10 7.08
N LYS B 122 -10.27 10.55 5.98
CA LYS B 122 -11.09 10.72 4.78
C LYS B 122 -12.45 10.03 4.85
N LEU B 123 -12.50 8.86 5.45
CA LEU B 123 -13.75 8.14 5.65
C LEU B 123 -14.68 8.96 6.56
N LEU B 124 -14.11 9.49 7.64
CA LEU B 124 -14.90 10.35 8.55
C LEU B 124 -15.42 11.62 7.87
N SER B 125 -14.60 12.28 7.05
CA SER B 125 -14.92 13.54 6.43
C SER B 125 -16.07 13.24 5.44
N ALA B 126 -16.01 12.09 4.80
CA ALA B 126 -17.06 11.72 3.79
C ALA B 126 -18.39 11.39 4.49
N LEU B 127 -18.34 10.81 5.68
CA LEU B 127 -19.57 10.67 6.47
C LEU B 127 -20.21 12.01 6.88
N CYS B 128 -19.38 12.98 7.21
CA CYS B 128 -19.87 14.29 7.68
C CYS B 128 -20.57 15.10 6.60
N ILE B 129 -20.15 14.95 5.37
CA ILE B 129 -20.77 15.69 4.33
C ILE B 129 -21.95 14.91 3.68
N LEU B 130 -22.28 13.72 4.18
CA LEU B 130 -23.45 13.01 3.63
C LEU B 130 -24.69 13.82 3.89
N PRO B 131 -25.58 13.94 2.88
CA PRO B 131 -26.84 14.57 3.21
C PRO B 131 -27.56 13.81 4.33
N GLN B 132 -27.57 12.48 4.23
CA GLN B 132 -28.31 11.61 5.13
C GLN B 132 -27.49 10.39 5.58
N PRO B 133 -27.63 9.95 6.84
CA PRO B 133 -28.37 10.69 7.87
C PRO B 133 -27.60 11.97 8.14
N GLU B 134 -28.35 12.90 8.71
CA GLU B 134 -27.91 14.24 8.85
C GLU B 134 -27.04 14.22 10.09
N ASP B 135 -26.22 15.23 10.22
CA ASP B 135 -25.52 15.45 11.48
C ASP B 135 -24.58 14.35 11.88
N MET B 136 -23.94 13.72 10.90
CA MET B 136 -22.87 12.82 11.20
C MET B 136 -21.71 13.52 11.88
N ASN B 137 -21.55 14.79 11.61
CA ASN B 137 -20.49 15.55 12.35
C ASN B 137 -20.67 15.41 13.82
N GLU B 138 -21.90 15.37 14.30
CA GLU B 138 -22.11 15.26 15.78
C GLU B 138 -21.72 13.89 16.27
N ARG B 139 -21.95 12.84 15.48
CA ARG B 139 -21.55 11.48 15.87
C ARG B 139 -20.01 11.38 15.91
N VAL B 140 -19.35 12.02 14.94
CA VAL B 140 -17.90 11.94 14.89
C VAL B 140 -17.35 12.69 16.12
N LEU B 141 -17.94 13.82 16.48
CA LEU B 141 -17.46 14.60 17.66
C LEU B 141 -17.70 13.83 18.96
N GLU B 142 -18.83 13.12 19.06
CA GLU B 142 -19.10 12.25 20.21
C GLU B 142 -17.96 11.22 20.36
N ALA B 143 -17.57 10.61 19.25
CA ALA B 143 -16.54 9.63 19.29
C ALA B 143 -15.18 10.22 19.64
N MET B 144 -14.88 11.42 19.10
CA MET B 144 -13.61 12.13 19.39
C MET B 144 -13.57 12.42 20.89
N THR B 145 -14.74 12.71 21.42
CA THR B 145 -14.80 12.95 22.92
C THR B 145 -14.47 11.71 23.67
N GLU B 146 -15.05 10.60 23.32
CA GLU B 146 -14.77 9.33 23.97
C GLU B 146 -13.30 8.95 23.84
N ARG B 147 -12.70 9.12 22.65
CA ARG B 147 -11.26 8.82 22.47
C ARG B 147 -10.38 9.71 23.37
N ALA B 148 -10.79 10.98 23.57
CA ALA B 148 -10.04 11.94 24.33
C ALA B 148 -10.00 11.44 25.80
N GLU B 149 -11.14 10.99 26.29
CA GLU B 149 -11.26 10.46 27.70
C GLU B 149 -10.38 9.18 27.84
N MET B 150 -10.41 8.30 26.84
CA MET B 150 -9.63 7.06 26.86
C MET B 150 -8.12 7.30 26.75
N ASP B 151 -7.68 8.21 25.86
CA ASP B 151 -6.26 8.50 25.65
C ASP B 151 -5.71 9.56 26.65
N GLU B 152 -6.58 10.24 27.43
CA GLU B 152 -6.20 11.32 28.29
C GLU B 152 -5.49 12.46 27.57
N VAL B 153 -6.09 12.92 26.47
CA VAL B 153 -5.66 14.07 25.69
C VAL B 153 -6.88 14.93 25.33
N GLU B 154 -6.63 16.14 24.85
CA GLU B 154 -7.76 17.01 24.41
C GLU B 154 -8.29 16.42 23.08
N ARG B 155 -9.60 16.53 22.89
CA ARG B 155 -10.23 15.82 21.78
C ARG B 155 -9.75 16.18 20.41
N PHE B 156 -9.32 17.40 20.18
CA PHE B 156 -8.80 17.71 18.86
C PHE B 156 -7.25 17.58 18.76
N GLN B 157 -6.58 17.02 19.76
CA GLN B 157 -5.12 16.96 19.69
C GLN B 157 -4.58 16.14 18.54
N PRO B 158 -5.24 15.02 18.20
CA PRO B 158 -4.67 14.28 17.06
C PRO B 158 -4.73 15.07 15.70
N LEU B 159 -5.77 15.88 15.50
CA LEU B 159 -5.82 16.78 14.34
C LEU B 159 -4.77 17.83 14.36
N LEU B 160 -4.53 18.47 15.51
CA LEU B 160 -3.46 19.44 15.58
C LEU B 160 -2.09 18.81 15.39
N ASP B 161 -1.94 17.60 15.89
CA ASP B 161 -0.62 16.89 15.78
C ASP B 161 -0.40 16.54 14.32
N GLY B 162 -1.47 16.26 13.55
CA GLY B 162 -1.34 16.01 12.13
C GLY B 162 -0.94 17.24 11.28
N LEU B 163 -1.21 18.44 11.79
CA LEU B 163 -0.92 19.66 11.10
C LEU B 163 0.43 20.23 11.44
N LYS B 164 1.13 19.63 12.37
CA LYS B 164 2.42 20.20 12.71
C LYS B 164 3.48 20.13 11.58
N SER B 165 4.39 21.11 11.58
CA SER B 165 5.41 21.11 10.56
C SER B 165 6.14 19.78 10.79
N GLY B 166 6.42 19.12 9.73
CA GLY B 166 7.12 17.87 9.92
C GLY B 166 6.30 16.81 9.32
N THR B 167 4.95 16.95 9.33
CA THR B 167 4.14 15.87 8.77
C THR B 167 4.08 16.03 7.30
N SER B 168 3.58 15.01 6.61
CA SER B 168 3.37 15.10 5.17
C SER B 168 2.32 16.11 4.82
N ILE B 169 2.40 16.65 3.58
CA ILE B 169 1.35 17.49 3.05
C ILE B 169 0.02 16.74 2.99
N ALA B 170 0.02 15.49 2.55
CA ALA B 170 -1.21 14.68 2.52
C ALA B 170 -1.90 14.58 3.89
N LEU B 171 -1.13 14.39 4.93
CA LEU B 171 -1.75 14.33 6.23
C LEU B 171 -2.31 15.70 6.62
N LYS B 172 -1.54 16.76 6.42
CA LYS B 172 -2.08 18.11 6.67
C LYS B 172 -3.42 18.37 5.90
N VAL B 173 -3.46 18.05 4.60
CA VAL B 173 -4.70 18.22 3.85
C VAL B 173 -5.84 17.43 4.48
N GLY B 174 -5.59 16.19 4.87
CA GLY B 174 -6.61 15.38 5.46
C GLY B 174 -7.12 15.92 6.83
N CYS B 175 -6.22 16.48 7.63
CA CYS B 175 -6.63 17.04 8.91
C CYS B 175 -7.44 18.29 8.74
N LEU B 176 -7.07 19.17 7.78
CA LEU B 176 -7.87 20.40 7.61
C LEU B 176 -9.20 20.06 6.91
N GLN B 177 -9.15 19.06 6.05
CA GLN B 177 -10.40 18.56 5.41
C GLN B 177 -11.41 18.05 6.45
N LEU B 178 -10.94 17.30 7.44
CA LEU B 178 -11.88 16.79 8.51
C LEU B 178 -12.37 17.95 9.45
N ILE B 179 -11.53 18.97 9.71
CA ILE B 179 -11.89 20.17 10.48
C ILE B 179 -13.04 20.85 9.71
N ASN B 180 -12.88 21.05 8.40
CA ASN B 180 -13.97 21.65 7.63
C ASN B 180 -15.23 20.79 7.64
N ALA B 181 -15.05 19.49 7.61
CA ALA B 181 -16.19 18.52 7.62
C ALA B 181 -16.95 18.50 8.93
N LEU B 182 -16.26 18.87 10.01
CA LEU B 182 -16.96 19.05 11.26
C LEU B 182 -17.73 20.33 11.35
N ILE B 183 -17.20 21.42 10.82
CA ILE B 183 -17.72 22.77 11.01
C ILE B 183 -18.79 23.09 9.92
N THR B 184 -18.37 22.97 8.68
CA THR B 184 -19.21 23.52 7.54
C THR B 184 -20.58 22.86 7.41
N PRO B 185 -20.72 21.57 7.77
CA PRO B 185 -22.09 20.99 7.62
C PRO B 185 -23.04 21.45 8.73
N ALA B 186 -22.54 22.03 9.80
CA ALA B 186 -23.39 22.42 10.89
C ALA B 186 -24.25 23.61 10.60
N GLU B 187 -25.53 23.49 10.87
CA GLU B 187 -26.46 24.65 10.71
C GLU B 187 -26.35 25.77 11.71
N GLU B 188 -25.96 25.47 12.93
CA GLU B 188 -26.05 26.38 14.04
C GLU B 188 -24.77 27.25 14.13
N LEU B 189 -24.93 28.56 13.88
CA LEU B 189 -23.80 29.50 13.93
C LEU B 189 -22.97 29.35 15.21
N ASP B 190 -23.66 29.36 16.33
CA ASP B 190 -22.87 29.41 17.54
C ASP B 190 -22.09 28.10 17.76
N PHE B 191 -22.57 26.99 17.27
CA PHE B 191 -21.82 25.74 17.30
C PHE B 191 -20.58 25.87 16.41
N ARG B 192 -20.76 26.29 15.15
CA ARG B 192 -19.58 26.51 14.30
C ARG B 192 -18.49 27.36 15.03
N VAL B 193 -18.90 28.50 15.57
CA VAL B 193 -18.00 29.46 16.15
C VAL B 193 -17.35 28.82 17.44
N HIS B 194 -18.14 28.01 18.13
CA HIS B 194 -17.56 27.29 19.31
C HIS B 194 -16.46 26.30 18.96
N ILE B 195 -16.69 25.46 17.96
CA ILE B 195 -15.74 24.46 17.48
C ILE B 195 -14.50 25.13 16.93
N ARG B 196 -14.69 26.19 16.13
CA ARG B 196 -13.52 26.90 15.60
C ARG B 196 -12.65 27.46 16.69
N SER B 197 -13.30 28.07 17.70
CA SER B 197 -12.66 28.66 18.85
C SER B 197 -11.91 27.60 19.67
N GLU B 198 -12.51 26.46 19.86
CA GLU B 198 -11.84 25.34 20.50
C GLU B 198 -10.52 24.98 19.81
N LEU B 199 -10.58 24.88 18.48
CA LEU B 199 -9.42 24.54 17.70
C LEU B 199 -8.38 25.70 17.82
N MET B 200 -8.82 26.94 17.73
CA MET B 200 -7.90 28.08 17.71
C MET B 200 -7.13 28.08 19.06
N ARG B 201 -7.85 27.80 20.14
CA ARG B 201 -7.22 27.74 21.50
C ARG B 201 -6.19 26.64 21.61
N LEU B 202 -6.33 25.60 20.82
CA LEU B 202 -5.39 24.47 20.82
C LEU B 202 -4.21 24.62 19.87
N GLY B 203 -4.06 25.76 19.29
CA GLY B 203 -2.90 26.09 18.48
C GLY B 203 -3.24 26.26 16.99
N LEU B 204 -4.51 26.16 16.59
CA LEU B 204 -4.78 26.23 15.15
C LEU B 204 -4.44 27.62 14.54
N HIS B 205 -4.59 28.66 15.32
CA HIS B 205 -4.30 30.00 14.88
C HIS B 205 -2.90 30.11 14.29
N GLN B 206 -1.91 29.63 15.03
CA GLN B 206 -0.54 29.61 14.56
C GLN B 206 -0.35 28.67 13.38
N VAL B 207 -0.85 27.44 13.52
CA VAL B 207 -0.75 26.44 12.46
C VAL B 207 -1.26 26.94 11.10
N LEU B 208 -2.38 27.64 11.08
CA LEU B 208 -2.95 28.15 9.78
C LEU B 208 -1.98 29.05 9.11
N GLN B 209 -1.28 29.86 9.90
CA GLN B 209 -0.30 30.78 9.29
C GLN B 209 0.80 29.98 8.59
N GLU B 210 1.27 28.91 9.21
CA GLU B 210 2.27 28.03 8.66
C GLU B 210 1.80 27.33 7.42
N LEU B 211 0.52 26.98 7.36
CA LEU B 211 -0.01 26.30 6.19
C LEU B 211 -0.01 27.15 4.92
N ARG B 212 -0.02 28.47 5.08
CA ARG B 212 -0.13 29.39 3.97
C ARG B 212 1.03 29.31 3.04
N GLU B 213 2.17 28.83 3.54
CA GLU B 213 3.45 28.68 2.74
C GLU B 213 3.38 27.55 1.74
N ILE B 214 2.47 26.62 1.99
CA ILE B 214 2.46 25.41 1.28
C ILE B 214 1.86 25.59 -0.11
N GLU B 215 2.65 25.25 -1.13
CA GLU B 215 2.19 25.41 -2.50
C GLU B 215 1.60 24.12 -3.03
N ASN B 216 0.37 23.88 -2.66
CA ASN B 216 -0.30 22.67 -2.96
C ASN B 216 -1.76 23.05 -3.13
N GLU B 217 -2.33 22.72 -4.27
CA GLU B 217 -3.69 23.18 -4.56
C GLU B 217 -4.81 22.52 -3.69
N ASP B 218 -4.64 21.26 -3.34
CA ASP B 218 -5.60 20.63 -2.45
C ASP B 218 -5.57 21.32 -1.05
N MET B 219 -4.43 21.71 -0.55
CA MET B 219 -4.36 22.51 0.71
C MET B 219 -5.08 23.84 0.54
N LYS B 220 -4.79 24.52 -0.56
CA LYS B 220 -5.41 25.82 -0.77
C LYS B 220 -6.94 25.77 -0.85
N VAL B 221 -7.49 24.70 -1.44
CA VAL B 221 -8.95 24.50 -1.48
C VAL B 221 -9.54 24.40 -0.06
N GLN B 222 -8.85 23.68 0.79
CA GLN B 222 -9.36 23.52 2.16
C GLN B 222 -9.16 24.80 2.94
N LEU B 223 -8.08 25.54 2.73
CA LEU B 223 -7.90 26.81 3.41
C LEU B 223 -9.00 27.77 3.00
N CYS B 224 -9.34 27.78 1.71
CA CYS B 224 -10.39 28.64 1.23
C CYS B 224 -11.77 28.38 1.86
N VAL B 225 -12.14 27.11 1.99
CA VAL B 225 -13.37 26.74 2.63
C VAL B 225 -13.37 27.25 4.05
N PHE B 226 -12.24 27.00 4.67
CA PHE B 226 -12.15 27.34 6.10
C PHE B 226 -12.28 28.87 6.32
N ASP B 227 -11.55 29.67 5.53
CA ASP B 227 -11.54 31.10 5.66
C ASP B 227 -12.94 31.65 5.28
N GLU B 228 -13.52 31.17 4.13
CA GLU B 228 -14.80 31.68 3.80
C GLU B 228 -15.88 31.47 4.85
N GLN B 229 -15.84 30.29 5.44
CA GLN B 229 -16.82 29.94 6.49
C GLN B 229 -16.58 30.80 7.69
N GLY B 230 -15.30 31.01 8.05
CA GLY B 230 -15.00 31.93 9.13
C GLY B 230 -15.48 33.34 8.97
N ASP B 231 -15.34 33.90 7.74
CA ASP B 231 -15.72 35.24 7.46
C ASP B 231 -17.24 35.39 7.47
N GLU B 232 -17.93 34.39 6.95
CA GLU B 232 -19.38 34.43 6.98
C GLU B 232 -19.91 34.40 8.41
N ASP B 233 -19.26 33.56 9.22
CA ASP B 233 -19.60 33.50 10.65
C ASP B 233 -19.33 34.83 11.36
N PHE B 234 -18.19 35.44 11.10
CA PHE B 234 -17.85 36.77 11.63
C PHE B 234 -18.95 37.77 11.27
N PHE B 235 -19.34 37.74 10.01
CA PHE B 235 -20.40 38.66 9.58
C PHE B 235 -21.73 38.42 10.32
N ASP B 236 -22.13 37.17 10.40
CA ASP B 236 -23.39 36.76 10.98
C ASP B 236 -23.43 37.02 12.51
N LEU B 237 -22.29 37.03 13.13
CA LEU B 237 -22.20 37.37 14.57
C LEU B 237 -22.52 38.81 14.89
N LYS B 238 -22.37 39.73 13.92
CA LYS B 238 -22.72 41.13 14.12
C LYS B 238 -24.21 41.28 14.32
N GLY B 239 -24.99 40.53 13.55
CA GLY B 239 -26.41 40.82 13.41
C GLY B 239 -27.21 39.60 13.01
N THR C 1 19.80 -25.76 10.53
CA THR C 1 18.48 -26.44 10.55
C THR C 1 18.18 -26.87 9.14
N PRO C 2 17.25 -27.80 8.96
CA PRO C 2 16.88 -28.12 7.59
C PRO C 2 16.39 -26.90 6.77
N ARG C 3 15.68 -25.95 7.41
CA ARG C 3 15.24 -24.72 6.69
C ARG C 3 16.46 -23.89 6.29
N SER C 4 17.46 -23.79 7.15
CA SER C 4 18.63 -22.97 6.79
C SER C 4 19.45 -23.61 5.65
N ALA C 5 19.48 -24.94 5.57
CA ALA C 5 20.15 -25.59 4.44
C ALA C 5 19.38 -25.36 3.16
N ARG C 6 18.08 -25.35 3.28
CA ARG C 6 17.23 -25.09 2.16
C ARG C 6 17.47 -23.65 1.62
N LEU C 7 17.58 -22.71 2.52
CA LEU C 7 17.81 -21.32 2.12
C LEU C 7 19.15 -21.17 1.41
N GLU C 8 20.13 -21.93 1.89
CA GLU C 8 21.44 -21.93 1.25
C GLU C 8 21.36 -22.48 -0.16
N ARG C 9 20.60 -23.56 -0.37
CA ARG C 9 20.38 -24.10 -1.71
C ARG C 9 19.66 -23.11 -2.61
N MET C 10 18.71 -22.34 -2.05
CA MET C 10 18.04 -21.28 -2.87
C MET C 10 19.01 -20.18 -3.34
N ALA C 11 19.88 -19.77 -2.43
CA ALA C 11 20.92 -18.80 -2.71
C ALA C 11 21.88 -19.30 -3.79
N GLN C 12 22.34 -20.54 -3.64
CA GLN C 12 23.21 -21.16 -4.66
C GLN C 12 22.49 -21.18 -6.03
N ALA C 13 21.18 -21.47 -6.05
CA ALA C 13 20.46 -21.49 -7.31
C ALA C 13 20.42 -20.13 -7.96
N LEU C 14 20.25 -19.07 -7.15
CA LEU C 14 20.21 -17.69 -7.66
C LEU C 14 21.60 -17.24 -8.14
N ALA C 15 22.67 -17.76 -7.55
CA ALA C 15 24.04 -17.37 -7.98
C ALA C 15 24.33 -18.09 -9.30
N THR D 1 -27.54 28.07 -0.66
CA THR D 1 -26.97 29.13 0.17
C THR D 1 -25.45 29.10 -0.02
N PRO D 2 -24.75 30.15 0.43
CA PRO D 2 -23.30 30.09 0.29
C PRO D 2 -22.70 28.92 1.05
N ARG D 3 -23.29 28.60 2.22
CA ARG D 3 -22.78 27.42 2.93
C ARG D 3 -22.99 26.10 2.14
N SER D 4 -24.14 25.98 1.45
CA SER D 4 -24.36 24.73 0.71
C SER D 4 -23.40 24.63 -0.48
N ALA D 5 -23.04 25.78 -1.09
CA ALA D 5 -22.08 25.74 -2.15
C ALA D 5 -20.69 25.33 -1.71
N ARG D 6 -20.35 25.77 -0.48
CA ARG D 6 -19.11 25.38 0.07
C ARG D 6 -19.05 23.84 0.32
N LEU D 7 -20.12 23.32 0.86
CA LEU D 7 -20.21 21.91 1.08
C LEU D 7 -20.08 21.07 -0.21
N GLU D 8 -20.62 21.61 -1.28
CA GLU D 8 -20.44 21.01 -2.62
C GLU D 8 -19.03 20.99 -3.08
N ARG D 9 -18.28 22.07 -2.83
CA ARG D 9 -16.87 22.08 -3.13
C ARG D 9 -16.12 21.04 -2.32
N MET D 10 -16.51 20.89 -1.06
CA MET D 10 -15.85 19.87 -0.22
C MET D 10 -16.07 18.45 -0.75
N ALA D 11 -17.29 18.17 -1.23
CA ALA D 11 -17.65 16.92 -1.78
C ALA D 11 -16.84 16.65 -3.08
N GLN D 12 -16.69 17.67 -3.94
CA GLN D 12 -15.87 17.51 -5.14
C GLN D 12 -14.44 17.21 -4.77
N ALA D 13 -13.92 17.88 -3.75
CA ALA D 13 -12.56 17.60 -3.33
C ALA D 13 -12.38 16.16 -2.82
N LEU D 14 -13.37 15.62 -2.11
CA LEU D 14 -13.35 14.25 -1.62
C LEU D 14 -13.45 13.25 -2.78
N ALA D 15 -14.08 13.66 -3.86
CA ALA D 15 -14.34 12.74 -5.01
C ALA D 15 -13.07 12.50 -5.82
N LEU D 16 -12.07 13.39 -5.75
CA LEU D 16 -10.73 13.07 -6.27
C LEU D 16 -10.04 11.99 -5.43
#